data_6YHD
#
_entry.id   6YHD
#
_cell.length_a   90.579
_cell.length_b   65.369
_cell.length_c   70.564
_cell.angle_alpha   90.000
_cell.angle_beta   96.129
_cell.angle_gamma   90.000
#
_symmetry.space_group_name_H-M   'C 1 2 1'
#
loop_
_entity.id
_entity.type
_entity.pdbx_description
1 polymer 'Queuine tRNA-ribosyltransferase'
2 non-polymer 'methyl 6-[6-amino-2-(methylamino)-8-oxo-7,8-dihydro-1H-imidazo[4,5-g]quinazolin-4-yl]-5,6-dideoxy-beta-D-ribo-hexofuranoside'
3 non-polymer GLYCEROL
4 non-polymer 'CHLORIDE ION'
5 non-polymer 'ZINC ION'
6 water water
#
_entity_poly.entity_id   1
_entity_poly.type   'polypeptide(L)'
_entity_poly.pdbx_seq_one_letter_code
;GSMVEATAQETDRPRFSFSIAAREGKARTGTIEMKRGVIRTPAFMPVGTAATVKALKPETVRATGADIILGNTYHLMLRP
GAERIAKLGGLHSFMG(FTR)DRPILTDSGGYQVMSLSSLTKQSEEGVTFKSHLDGSRHMLSPERSIEIQHLLGSDIVMA
FDECTPYPATPSRAASSMERSMR(FTR)AKRSRDAFDSRKEQAENAALFGIQQGSVFENLRQQSADALAEIGFDGYAVGG
LAVGEGQDEMFRVLDFSVPMLPDDKPHYLMGVGKPDDIVGAVERGIDMFDCVLPTRSGRNGQAFT(FTR)DGPINIRNAR
FSEDLKPLDSECHCAVCQK(FTR)SRAYIHHLIRAGEILGAMLMTEHNIAFYQQLMQKIRDSISEGRFSQFAQDFRARYF
ARNS
;
_entity_poly.pdbx_strand_id   A
#
loop_
_chem_comp.id
_chem_comp.type
_chem_comp.name
_chem_comp.formula
1WK non-polymer 'methyl 6-[6-amino-2-(methylamino)-8-oxo-7,8-dihydro-1H-imidazo[4,5-g]quinazolin-4-yl]-5,6-dideoxy-beta-D-ribo-hexofuranoside' 'C17 H22 N6 O5'
CL non-polymer 'CHLORIDE ION' 'Cl -1'
GOL non-polymer GLYCEROL 'C3 H8 O3'
ZN non-polymer 'ZINC ION' 'Zn 2'
#
# COMPACT_ATOMS: atom_id res chain seq x y z
N ASP A 12 27.12 1.23 -6.07
CA ASP A 12 25.72 1.55 -6.30
C ASP A 12 24.78 0.46 -5.76
N ARG A 13 23.52 0.82 -5.54
CA ARG A 13 22.60 -0.10 -4.90
C ARG A 13 22.20 -1.23 -5.87
N PRO A 14 21.85 -2.39 -5.34
CA PRO A 14 21.35 -3.48 -6.17
C PRO A 14 19.95 -3.20 -6.70
N ARG A 15 19.55 -4.01 -7.69
CA ARG A 15 18.16 -4.01 -8.14
C ARG A 15 17.21 -4.23 -6.97
N PHE A 16 17.50 -5.23 -6.15
CA PHE A 16 16.62 -5.57 -5.03
C PHE A 16 17.38 -6.39 -3.99
N SER A 17 17.39 -5.92 -2.75
N SER A 17 17.33 -5.97 -2.74
CA SER A 17 17.91 -6.70 -1.62
CA SER A 17 17.91 -6.74 -1.65
C SER A 17 17.07 -6.38 -0.40
C SER A 17 17.17 -6.42 -0.35
N PHE A 18 16.43 -7.40 0.17
CA PHE A 18 15.72 -7.27 1.44
C PHE A 18 16.55 -7.89 2.54
N SER A 19 16.82 -7.12 3.59
N SER A 19 16.83 -7.13 3.58
CA SER A 19 17.61 -7.58 4.72
CA SER A 19 17.62 -7.59 4.73
C SER A 19 16.79 -7.36 5.98
C SER A 19 16.82 -7.35 6.00
N ILE A 20 16.74 -8.37 6.84
CA ILE A 20 16.04 -8.30 8.11
C ILE A 20 17.08 -8.04 9.20
N ALA A 21 16.96 -6.90 9.88
CA ALA A 21 17.92 -6.49 10.90
C ALA A 21 17.54 -6.92 12.31
N ALA A 22 16.25 -7.12 12.58
CA ALA A 22 15.82 -7.45 13.93
C ALA A 22 14.43 -8.06 13.84
N ARG A 23 14.11 -8.91 14.82
N ARG A 23 14.13 -8.93 14.81
CA ARG A 23 12.85 -9.63 14.86
CA ARG A 23 12.85 -9.61 14.89
C ARG A 23 12.35 -9.73 16.30
C ARG A 23 12.33 -9.56 16.32
N GLU A 24 11.02 -9.78 16.43
CA GLU A 24 10.38 -9.98 17.73
C GLU A 24 9.09 -10.75 17.43
N GLY A 25 9.04 -12.00 17.85
CA GLY A 25 7.91 -12.84 17.47
C GLY A 25 7.86 -12.96 15.96
N LYS A 26 6.68 -12.74 15.37
CA LYS A 26 6.55 -12.74 13.91
C LYS A 26 6.92 -11.40 13.28
N ALA A 27 7.15 -10.36 14.08
CA ALA A 27 7.44 -9.04 13.54
C ALA A 27 8.90 -8.95 13.12
N ARG A 28 9.15 -8.18 12.06
CA ARG A 28 10.48 -7.98 11.52
C ARG A 28 10.69 -6.51 11.20
N THR A 29 11.93 -6.05 11.31
CA THR A 29 12.31 -4.74 10.81
C THR A 29 13.59 -4.86 10.01
N GLY A 30 13.69 -4.06 8.95
CA GLY A 30 14.84 -4.12 8.08
C GLY A 30 14.78 -3.12 6.96
N THR A 31 15.37 -3.45 5.82
CA THR A 31 15.46 -2.55 4.68
C THR A 31 15.31 -3.31 3.39
N ILE A 32 14.69 -2.64 2.40
CA ILE A 32 14.75 -3.04 1.00
C ILE A 32 15.63 -2.02 0.29
N GLU A 33 16.74 -2.47 -0.29
N GLU A 33 16.75 -2.47 -0.26
CA GLU A 33 17.58 -1.62 -1.10
CA GLU A 33 17.58 -1.63 -1.11
C GLU A 33 17.24 -1.82 -2.57
C GLU A 33 17.17 -1.82 -2.57
N MET A 34 16.97 -0.71 -3.27
CA MET A 34 16.69 -0.70 -4.70
C MET A 34 17.51 0.39 -5.35
N LYS A 35 17.53 0.42 -6.68
CA LYS A 35 18.36 1.40 -7.38
C LYS A 35 18.00 2.84 -6.98
N ARG A 36 16.71 3.14 -6.84
N ARG A 36 16.71 3.14 -6.84
CA ARG A 36 16.29 4.50 -6.56
CA ARG A 36 16.26 4.49 -6.56
C ARG A 36 16.29 4.87 -5.08
C ARG A 36 16.18 4.84 -5.07
N GLY A 37 16.55 3.93 -4.18
CA GLY A 37 16.60 4.27 -2.77
C GLY A 37 16.38 3.08 -1.86
N VAL A 38 16.49 3.37 -0.56
CA VAL A 38 16.28 2.40 0.52
C VAL A 38 14.89 2.60 1.11
N ILE A 39 14.22 1.49 1.37
CA ILE A 39 12.89 1.47 1.98
C ILE A 39 13.04 0.83 3.35
N ARG A 40 12.71 1.57 4.39
CA ARG A 40 12.74 1.06 5.76
C ARG A 40 11.44 0.30 6.03
N THR A 41 11.57 -0.91 6.60
CA THR A 41 10.39 -1.75 6.86
C THR A 41 10.27 -2.05 8.34
N PRO A 42 9.04 -2.16 8.89
CA PRO A 42 7.78 -2.02 8.15
C PRO A 42 7.56 -0.62 7.58
N ALA A 43 6.99 -0.58 6.37
CA ALA A 43 6.85 0.63 5.58
C ALA A 43 5.38 0.94 5.30
N PHE A 44 5.03 2.23 5.33
CA PHE A 44 3.74 2.69 4.87
C PHE A 44 3.95 3.50 3.59
N MET A 45 3.20 3.14 2.55
CA MET A 45 3.25 3.77 1.22
C MET A 45 2.05 4.70 1.03
N PRO A 46 2.24 6.02 1.03
CA PRO A 46 1.15 6.91 0.61
C PRO A 46 0.69 6.56 -0.80
N VAL A 47 -0.60 6.71 -1.04
CA VAL A 47 -1.23 6.36 -2.31
C VAL A 47 -1.33 7.61 -3.19
N GLY A 48 -0.93 7.47 -4.46
CA GLY A 48 -1.07 8.52 -5.44
C GLY A 48 -1.56 8.01 -6.79
N THR A 49 -2.84 7.67 -6.89
CA THR A 49 -3.37 7.01 -8.10
C THR A 49 -3.28 7.89 -9.36
N ALA A 50 -3.48 9.20 -9.22
CA ALA A 50 -3.46 10.11 -10.38
C ALA A 50 -2.09 10.76 -10.60
N ALA A 51 -1.00 10.06 -10.29
CA ALA A 51 0.36 10.65 -10.39
C ALA A 51 0.52 11.86 -9.48
N THR A 52 -0.15 11.83 -8.34
CA THR A 52 0.01 12.81 -7.28
C THR A 52 -0.51 12.18 -6.00
N VAL A 53 0.21 12.37 -4.90
CA VAL A 53 -0.33 12.14 -3.56
C VAL A 53 -1.20 13.37 -3.27
N LYS A 54 -2.52 13.17 -3.17
CA LYS A 54 -3.44 14.31 -3.28
C LYS A 54 -3.12 15.40 -2.27
N ALA A 55 -2.98 16.62 -2.77
CA ALA A 55 -2.79 17.84 -2.00
C ALA A 55 -1.38 18.02 -1.45
N LEU A 56 -0.39 17.22 -1.87
CA LEU A 56 0.99 17.34 -1.40
C LEU A 56 1.97 17.41 -2.55
N LYS A 57 2.91 18.35 -2.49
CA LYS A 57 4.10 18.23 -3.33
C LYS A 57 4.91 17.02 -2.89
N PRO A 58 5.65 16.39 -3.82
CA PRO A 58 6.55 15.30 -3.44
C PRO A 58 7.53 15.65 -2.32
N GLU A 59 8.06 16.88 -2.30
N GLU A 59 8.05 16.88 -2.30
CA GLU A 59 8.98 17.24 -1.22
CA GLU A 59 8.99 17.23 -1.23
C GLU A 59 8.30 17.17 0.14
C GLU A 59 8.30 17.18 0.13
N THR A 60 7.00 17.49 0.18
CA THR A 60 6.27 17.39 1.44
C THR A 60 6.03 15.92 1.81
N VAL A 61 5.69 15.09 0.83
CA VAL A 61 5.61 13.66 1.10
C VAL A 61 6.93 13.17 1.71
N ARG A 62 8.05 13.58 1.13
CA ARG A 62 9.34 13.11 1.65
C ARG A 62 9.59 13.64 3.05
N ALA A 63 9.23 14.91 3.32
CA ALA A 63 9.42 15.49 4.63
C ALA A 63 8.66 14.74 5.73
N THR A 64 7.57 14.04 5.38
CA THR A 64 6.87 13.25 6.38
C THR A 64 7.61 11.97 6.72
N GLY A 65 8.58 11.55 5.91
CA GLY A 65 9.32 10.32 6.15
C GLY A 65 9.05 9.19 5.18
N ALA A 66 8.18 9.39 4.19
CA ALA A 66 7.90 8.31 3.25
C ALA A 66 9.14 7.99 2.41
N ASP A 67 9.41 6.69 2.24
CA ASP A 67 10.50 6.17 1.41
C ASP A 67 10.05 5.70 0.04
N ILE A 68 8.75 5.45 -0.14
CA ILE A 68 8.20 4.87 -1.36
C ILE A 68 6.75 5.32 -1.38
N ILE A 69 6.21 5.51 -2.59
CA ILE A 69 4.80 5.82 -2.80
C ILE A 69 4.21 4.80 -3.77
N LEU A 70 2.87 4.73 -3.79
CA LEU A 70 2.14 3.78 -4.63
C LEU A 70 1.42 4.53 -5.75
N GLY A 71 1.57 4.02 -6.97
CA GLY A 71 0.74 4.40 -8.09
C GLY A 71 -0.08 3.21 -8.58
N ASN A 72 -0.92 3.45 -9.60
CA ASN A 72 -1.83 2.41 -10.05
C ASN A 72 -1.91 2.34 -11.57
N THR A 73 -1.63 1.15 -12.11
CA THR A 73 -1.73 0.87 -13.54
C THR A 73 -3.08 1.29 -14.10
N TYR A 74 -4.17 0.98 -13.40
CA TYR A 74 -5.50 1.23 -13.95
C TYR A 74 -5.74 2.72 -14.17
N HIS A 75 -5.52 3.53 -13.14
CA HIS A 75 -5.85 4.95 -13.25
C HIS A 75 -4.97 5.66 -14.26
N LEU A 76 -3.68 5.35 -14.30
CA LEU A 76 -2.77 6.04 -15.20
C LEU A 76 -2.95 5.56 -16.63
N MET A 77 -3.39 4.32 -16.85
N MET A 77 -3.41 4.32 -16.81
CA MET A 77 -3.75 3.90 -18.19
CA MET A 77 -3.78 3.82 -18.12
C MET A 77 -4.84 4.78 -18.76
C MET A 77 -4.89 4.64 -18.75
N LEU A 78 -5.82 5.14 -17.92
CA LEU A 78 -6.93 5.95 -18.43
C LEU A 78 -6.52 7.41 -18.59
N ARG A 79 -5.75 7.94 -17.64
CA ARG A 79 -5.43 9.36 -17.63
C ARG A 79 -4.12 9.50 -16.87
N PRO A 80 -3.03 10.01 -17.48
CA PRO A 80 -2.93 10.58 -18.84
C PRO A 80 -2.64 9.57 -19.95
N GLY A 81 -2.49 8.30 -19.63
CA GLY A 81 -2.10 7.28 -20.58
C GLY A 81 -0.69 6.76 -20.32
N ALA A 82 -0.51 5.45 -20.46
CA ALA A 82 0.79 4.84 -20.15
C ALA A 82 1.83 5.21 -21.20
N GLU A 83 1.49 5.07 -22.47
CA GLU A 83 2.42 5.44 -23.53
C GLU A 83 2.79 6.92 -23.44
N ARG A 84 1.83 7.78 -23.11
CA ARG A 84 2.12 9.20 -22.94
C ARG A 84 3.14 9.42 -21.83
N ILE A 85 2.94 8.79 -20.67
CA ILE A 85 3.91 8.97 -19.59
C ILE A 85 5.29 8.51 -20.02
N ALA A 86 5.37 7.39 -20.74
CA ALA A 86 6.68 6.94 -21.20
C ALA A 86 7.31 7.97 -22.14
N LYS A 87 6.53 8.50 -23.08
CA LYS A 87 7.05 9.50 -24.00
C LYS A 87 7.57 10.73 -23.25
N LEU A 88 6.96 11.05 -22.10
CA LEU A 88 7.36 12.21 -21.32
C LEU A 88 8.50 11.91 -20.35
N GLY A 89 9.01 10.69 -20.32
CA GLY A 89 10.18 10.37 -19.51
C GLY A 89 9.91 9.48 -18.33
N GLY A 90 8.69 8.99 -18.17
CA GLY A 90 8.36 8.08 -17.09
C GLY A 90 7.70 8.79 -15.92
N LEU A 91 7.08 7.99 -15.05
CA LEU A 91 6.29 8.52 -13.95
C LEU A 91 7.12 9.33 -12.96
N HIS A 92 8.35 8.88 -12.66
CA HIS A 92 9.17 9.58 -11.67
C HIS A 92 9.43 11.03 -12.08
N SER A 93 9.92 11.20 -13.32
N SER A 93 9.89 11.24 -13.32
CA SER A 93 10.17 12.53 -13.87
CA SER A 93 10.15 12.62 -13.72
C SER A 93 8.87 13.33 -13.99
C SER A 93 8.87 13.38 -14.02
N PHE A 94 7.81 12.69 -14.47
CA PHE A 94 6.53 13.37 -14.69
C PHE A 94 6.05 14.04 -13.40
N MET A 95 6.01 13.30 -12.30
CA MET A 95 5.45 13.83 -11.06
C MET A 95 6.49 14.43 -10.11
N GLY A 96 7.77 14.23 -10.39
CA GLY A 96 8.82 14.78 -9.54
C GLY A 96 9.08 14.02 -8.24
N FTR A 97 8.96 12.70 -8.29
CA FTR A 97 9.31 11.84 -7.17
CB FTR A 97 8.13 11.02 -6.64
CG FTR A 97 8.45 9.95 -5.69
CD2 FTR A 97 8.48 10.05 -4.23
CE2 FTR A 97 8.81 8.74 -3.73
CE3 FTR A 97 8.30 11.07 -3.32
CD1 FTR A 97 8.74 8.63 -5.98
NE1 FTR A 97 8.95 7.90 -4.82
CZ2 FTR A 97 8.97 8.48 -2.36
CZ3 FTR A 97 8.45 10.79 -1.95
F FTR A 97 8.29 11.77 -1.03
CH2 FTR A 97 8.78 9.51 -1.48
C FTR A 97 10.43 10.89 -7.67
O FTR A 97 10.16 10.09 -8.60
HA FTR A 97 9.63 12.34 -6.40
HB2 FTR A 97 7.66 10.62 -7.39
HB3 FTR A 97 7.50 11.62 -6.20
HE3 FTR A 97 8.08 11.93 -3.61
HD1 FTR A 97 8.79 8.22 -6.82
HE1 FTR A 97 9.13 7.06 -4.78
HZ2 FTR A 97 9.18 7.63 -2.06
HH2 FTR A 97 8.88 9.39 -0.56
N ASP A 98 11.63 10.98 -7.11
CA ASP A 98 12.77 10.25 -7.67
C ASP A 98 13.14 8.97 -6.92
N ARG A 99 12.34 8.62 -5.92
CA ARG A 99 12.54 7.44 -5.09
C ARG A 99 11.70 6.27 -5.59
N PRO A 100 11.75 5.11 -4.94
CA PRO A 100 10.97 3.99 -5.45
C PRO A 100 9.47 4.27 -5.51
N ILE A 101 8.83 3.69 -6.54
CA ILE A 101 7.38 3.68 -6.72
C ILE A 101 6.94 2.25 -6.90
N LEU A 102 5.95 1.82 -6.14
CA LEU A 102 5.27 0.55 -6.35
C LEU A 102 3.99 0.85 -7.13
N THR A 103 3.72 0.06 -8.17
CA THR A 103 2.48 0.21 -8.92
C THR A 103 1.60 -1.02 -8.75
N ASP A 104 0.35 -0.81 -8.34
CA ASP A 104 -0.62 -1.89 -8.39
C ASP A 104 -0.94 -2.22 -9.84
N SER A 105 -1.45 -3.43 -10.06
CA SER A 105 -1.57 -4.00 -11.39
C SER A 105 -2.91 -3.74 -12.07
N GLY A 106 -3.90 -3.22 -11.32
CA GLY A 106 -5.28 -3.14 -11.77
C GLY A 106 -6.17 -4.27 -11.26
N GLY A 107 -5.61 -5.28 -10.61
CA GLY A 107 -6.38 -6.44 -10.16
C GLY A 107 -7.46 -6.13 -9.14
N TYR A 108 -7.31 -5.08 -8.35
CA TYR A 108 -8.42 -4.68 -7.47
C TYR A 108 -9.57 -4.11 -8.27
N GLN A 109 -9.29 -3.27 -9.27
CA GLN A 109 -10.35 -2.73 -10.11
C GLN A 109 -11.07 -3.82 -10.93
N VAL A 110 -10.41 -4.96 -11.19
CA VAL A 110 -11.11 -6.09 -11.80
C VAL A 110 -12.35 -6.46 -10.98
N MET A 111 -12.26 -6.33 -9.66
N MET A 111 -12.25 -6.33 -9.66
CA MET A 111 -13.36 -6.62 -8.75
CA MET A 111 -13.35 -6.61 -8.74
C MET A 111 -14.23 -5.39 -8.49
C MET A 111 -14.23 -5.38 -8.53
N SER A 112 -13.63 -4.27 -8.08
CA SER A 112 -14.42 -3.12 -7.66
C SER A 112 -15.20 -2.50 -8.81
N LEU A 113 -14.72 -2.66 -10.04
CA LEU A 113 -15.34 -2.05 -11.22
C LEU A 113 -15.90 -3.13 -12.15
N SER A 114 -16.25 -4.29 -11.59
CA SER A 114 -16.56 -5.45 -12.41
C SER A 114 -17.78 -5.22 -13.29
N SER A 115 -18.73 -4.38 -12.85
CA SER A 115 -19.91 -4.12 -13.67
C SER A 115 -19.56 -3.46 -15.00
N LEU A 116 -18.38 -2.85 -15.10
CA LEU A 116 -17.89 -2.23 -16.33
C LEU A 116 -17.10 -3.21 -17.18
N THR A 117 -17.02 -4.48 -16.80
CA THR A 117 -16.01 -5.37 -17.37
C THR A 117 -16.62 -6.56 -18.09
N LYS A 118 -15.79 -7.10 -18.99
CA LYS A 118 -15.94 -8.45 -19.52
C LYS A 118 -14.64 -9.16 -19.19
N GLN A 119 -14.74 -10.27 -18.47
CA GLN A 119 -13.59 -11.03 -18.00
C GLN A 119 -13.50 -12.35 -18.76
N SER A 120 -12.27 -12.77 -19.01
CA SER A 120 -12.01 -14.09 -19.55
C SER A 120 -10.65 -14.55 -19.04
N GLU A 121 -10.28 -15.77 -19.39
CA GLU A 121 -8.96 -16.27 -19.06
C GLU A 121 -7.84 -15.39 -19.62
N GLU A 122 -8.11 -14.65 -20.70
N GLU A 122 -8.11 -14.68 -20.73
CA GLU A 122 -7.05 -13.84 -21.30
CA GLU A 122 -7.09 -13.82 -21.32
C GLU A 122 -6.86 -12.50 -20.61
C GLU A 122 -6.83 -12.58 -20.49
N GLY A 123 -7.89 -11.98 -19.95
CA GLY A 123 -7.77 -10.71 -19.27
C GLY A 123 -9.14 -10.09 -19.06
N VAL A 124 -9.15 -8.77 -18.91
CA VAL A 124 -10.34 -8.02 -18.54
C VAL A 124 -10.40 -6.78 -19.41
N THR A 125 -11.55 -6.53 -20.03
CA THR A 125 -11.78 -5.28 -20.76
C THR A 125 -12.77 -4.41 -20.00
N PHE A 126 -12.37 -3.15 -19.75
CA PHE A 126 -13.16 -2.17 -19.03
C PHE A 126 -13.83 -1.22 -20.02
N LYS A 127 -15.09 -0.90 -19.80
CA LYS A 127 -15.81 0.03 -20.66
C LYS A 127 -16.30 1.20 -19.81
N SER A 128 -15.88 2.40 -20.19
CA SER A 128 -16.24 3.61 -19.43
C SER A 128 -17.75 3.79 -19.33
N GLY A 132 -17.60 5.87 -22.91
CA GLY A 132 -17.81 4.59 -23.56
C GLY A 132 -16.55 3.96 -24.12
N SER A 133 -15.39 4.56 -23.81
CA SER A 133 -14.13 4.03 -24.31
C SER A 133 -13.80 2.70 -23.64
N ARG A 134 -13.08 1.85 -24.35
CA ARG A 134 -12.69 0.54 -23.84
C ARG A 134 -11.18 0.51 -23.59
N HIS A 135 -10.79 -0.18 -22.51
CA HIS A 135 -9.39 -0.39 -22.18
C HIS A 135 -9.20 -1.78 -21.62
N MET A 136 -8.18 -2.47 -22.09
CA MET A 136 -7.94 -3.86 -21.76
C MET A 136 -6.76 -3.99 -20.80
N LEU A 137 -6.89 -4.91 -19.84
CA LEU A 137 -5.77 -5.33 -19.03
C LEU A 137 -5.68 -6.85 -19.06
N SER A 138 -4.45 -7.30 -18.92
CA SER A 138 -4.08 -8.71 -18.94
C SER A 138 -2.77 -8.81 -18.20
N PRO A 139 -2.31 -10.02 -17.88
CA PRO A 139 -0.96 -10.10 -17.30
C PRO A 139 0.07 -9.38 -18.16
N GLU A 140 0.04 -9.62 -19.47
CA GLU A 140 1.05 -9.03 -20.35
C GLU A 140 0.90 -7.52 -20.44
N ARG A 141 -0.34 -7.02 -20.60
CA ARG A 141 -0.52 -5.59 -20.77
C ARG A 141 -0.30 -4.85 -19.46
N SER A 142 -0.71 -5.43 -18.32
CA SER A 142 -0.45 -4.78 -17.04
C SER A 142 1.04 -4.63 -16.78
N ILE A 143 1.81 -5.71 -17.01
CA ILE A 143 3.24 -5.63 -16.80
C ILE A 143 3.86 -4.62 -17.77
N GLU A 144 3.38 -4.58 -19.02
CA GLU A 144 3.88 -3.61 -19.99
C GLU A 144 3.60 -2.18 -19.55
N ILE A 145 2.38 -1.90 -19.09
CA ILE A 145 2.07 -0.56 -18.60
C ILE A 145 3.00 -0.18 -17.46
N GLN A 146 3.23 -1.11 -16.53
CA GLN A 146 4.10 -0.80 -15.41
C GLN A 146 5.53 -0.54 -15.88
N HIS A 147 5.97 -1.23 -16.93
CA HIS A 147 7.25 -0.89 -17.57
C HIS A 147 7.23 0.51 -18.15
N LEU A 148 6.17 0.87 -18.88
CA LEU A 148 6.10 2.19 -19.49
C LEU A 148 6.12 3.29 -18.43
N LEU A 149 5.51 3.03 -17.28
CA LEU A 149 5.54 3.98 -16.19
C LEU A 149 6.91 4.07 -15.54
N GLY A 150 7.73 3.02 -15.68
CA GLY A 150 9.01 3.00 -14.97
C GLY A 150 8.90 2.62 -13.52
N SER A 151 7.90 1.81 -13.16
N SER A 151 7.89 1.81 -13.17
CA SER A 151 7.69 1.34 -11.81
CA SER A 151 7.73 1.33 -11.81
C SER A 151 8.91 0.57 -11.28
C SER A 151 9.00 0.67 -11.30
N ASP A 152 9.23 0.78 -10.01
CA ASP A 152 10.30 0.03 -9.35
C ASP A 152 9.83 -1.30 -8.79
N ILE A 153 8.66 -1.34 -8.14
CA ILE A 153 8.04 -2.60 -7.71
C ILE A 153 6.76 -2.80 -8.51
N VAL A 154 6.79 -3.82 -9.34
CA VAL A 154 5.71 -4.20 -10.23
C VAL A 154 4.88 -5.27 -9.54
N MET A 155 3.56 -5.10 -9.52
CA MET A 155 2.65 -6.10 -8.97
C MET A 155 2.14 -7.02 -10.08
N ALA A 156 2.10 -8.31 -9.78
CA ALA A 156 1.44 -9.27 -10.68
C ALA A 156 -0.02 -8.87 -10.91
N PHE A 157 -0.52 -9.22 -12.10
CA PHE A 157 -1.92 -8.98 -12.44
C PHE A 157 -2.75 -10.12 -11.87
N ASP A 158 -3.60 -9.80 -10.90
CA ASP A 158 -4.43 -10.75 -10.15
C ASP A 158 -5.89 -10.34 -10.26
N GLU A 159 -6.76 -11.18 -9.70
N GLU A 159 -6.73 -11.10 -9.55
CA GLU A 159 -8.12 -10.76 -9.36
CA GLU A 159 -8.15 -10.81 -9.39
C GLU A 159 -8.25 -10.73 -7.85
C GLU A 159 -8.44 -10.79 -7.89
N CYS A 160 -8.71 -9.60 -7.32
CA CYS A 160 -9.07 -9.50 -5.91
C CYS A 160 -10.44 -10.16 -5.74
N THR A 161 -10.47 -11.33 -5.13
CA THR A 161 -11.73 -12.05 -5.04
C THR A 161 -12.73 -11.25 -4.20
N PRO A 162 -13.98 -11.11 -4.66
CA PRO A 162 -14.97 -10.42 -3.83
C PRO A 162 -15.18 -11.12 -2.50
N TYR A 163 -15.62 -10.36 -1.50
CA TYR A 163 -15.92 -10.88 -0.18
C TYR A 163 -17.37 -10.56 0.17
N PRO A 164 -18.15 -11.54 0.66
CA PRO A 164 -17.77 -12.94 0.86
C PRO A 164 -17.71 -13.73 -0.44
N ALA A 165 -17.02 -14.85 -0.42
CA ALA A 165 -16.97 -15.76 -1.55
C ALA A 165 -17.20 -17.20 -1.08
N THR A 166 -17.93 -17.98 -1.89
CA THR A 166 -18.05 -19.38 -1.56
C THR A 166 -16.70 -20.06 -1.78
N PRO A 167 -16.45 -21.17 -1.11
CA PRO A 167 -15.20 -21.88 -1.36
C PRO A 167 -14.98 -22.21 -2.84
N SER A 168 -16.04 -22.57 -3.56
CA SER A 168 -15.86 -22.92 -4.97
C SER A 168 -15.40 -21.71 -5.77
N ARG A 169 -16.07 -20.57 -5.58
CA ARG A 169 -15.72 -19.38 -6.35
C ARG A 169 -14.38 -18.82 -5.91
N ALA A 170 -14.07 -18.90 -4.62
CA ALA A 170 -12.75 -18.48 -4.15
C ALA A 170 -11.65 -19.32 -4.79
N ALA A 171 -11.87 -20.63 -4.90
CA ALA A 171 -10.87 -21.50 -5.53
C ALA A 171 -10.71 -21.18 -7.00
N SER A 172 -11.81 -21.04 -7.73
CA SER A 172 -11.72 -20.72 -9.15
C SER A 172 -10.97 -19.40 -9.37
N SER A 173 -11.29 -18.39 -8.57
CA SER A 173 -10.65 -17.10 -8.71
C SER A 173 -9.17 -17.20 -8.41
N MET A 174 -8.82 -17.85 -7.29
CA MET A 174 -7.42 -17.99 -6.91
C MET A 174 -6.65 -18.75 -7.97
N GLU A 175 -7.23 -19.82 -8.52
CA GLU A 175 -6.53 -20.61 -9.53
C GLU A 175 -6.23 -19.77 -10.77
N ARG A 176 -7.20 -18.96 -11.19
CA ARG A 176 -6.95 -18.05 -12.31
C ARG A 176 -5.85 -17.06 -11.96
N SER A 177 -5.89 -16.50 -10.76
CA SER A 177 -4.83 -15.57 -10.36
C SER A 177 -3.46 -16.23 -10.39
N MET A 178 -3.36 -17.52 -10.02
CA MET A 178 -2.05 -18.15 -10.04
C MET A 178 -1.57 -18.38 -11.47
N ARG A 179 -2.47 -18.73 -12.39
CA ARG A 179 -2.11 -18.81 -13.80
C ARG A 179 -1.65 -17.44 -14.30
N FTR A 180 -2.35 -16.40 -13.88
CA FTR A 180 -2.01 -15.03 -14.25
CB FTR A 180 -3.12 -14.03 -13.91
CG FTR A 180 -4.29 -14.13 -14.81
CD2 FTR A 180 -5.51 -13.34 -14.68
CE2 FTR A 180 -6.35 -13.72 -15.78
CE3 FTR A 180 -5.95 -12.37 -13.79
CD1 FTR A 180 -4.44 -14.94 -15.92
NE1 FTR A 180 -5.68 -14.70 -16.51
CZ2 FTR A 180 -7.60 -13.16 -15.95
CZ3 FTR A 180 -7.20 -11.84 -13.99
F FTR A 180 -7.65 -10.90 -13.12
CH2 FTR A 180 -8.03 -12.20 -15.06
C FTR A 180 -0.67 -14.58 -13.60
O FTR A 180 0.04 -13.75 -14.21
H FTR A 180 -2.77 -16.37 -13.13
HA FTR A 180 -1.88 -14.98 -15.20
HB2 FTR A 180 -2.76 -13.14 -13.94
HB3 FTR A 180 -3.42 -14.19 -12.99
HE3 FTR A 180 -5.41 -12.10 -13.08
HD1 FTR A 180 -3.85 -15.56 -16.28
HE1 FTR A 180 -6.00 -15.09 -17.22
HZ2 FTR A 180 -8.16 -13.42 -16.65
HH2 FTR A 180 -8.86 -11.79 -15.16
N ALA A 181 -0.34 -15.12 -12.44
CA ALA A 181 0.92 -14.81 -11.78
C ALA A 181 2.10 -15.36 -12.58
N LYS A 182 1.93 -16.57 -13.11
CA LYS A 182 2.99 -17.15 -13.95
C LYS A 182 3.13 -16.33 -15.24
N ARG A 183 2.01 -15.94 -15.85
CA ARG A 183 2.11 -15.09 -17.04
C ARG A 183 2.76 -13.75 -16.72
N SER A 184 2.49 -13.22 -15.52
CA SER A 184 3.09 -11.95 -15.12
C SER A 184 4.61 -12.09 -14.99
N ARG A 185 5.04 -13.15 -14.32
CA ARG A 185 6.46 -13.48 -14.18
C ARG A 185 7.14 -13.55 -15.54
N ASP A 186 6.54 -14.29 -16.48
CA ASP A 186 7.18 -14.49 -17.78
C ASP A 186 7.22 -13.19 -18.58
N ALA A 187 6.17 -12.38 -18.49
CA ALA A 187 6.17 -11.09 -19.20
C ALA A 187 7.25 -10.16 -18.66
N PHE A 188 7.38 -10.11 -17.34
CA PHE A 188 8.39 -9.27 -16.69
C PHE A 188 9.79 -9.74 -17.08
N ASP A 189 10.03 -11.05 -17.06
CA ASP A 189 11.36 -11.57 -17.34
C ASP A 189 11.76 -11.40 -18.80
N SER A 190 10.78 -11.34 -19.71
N SER A 190 10.78 -11.34 -19.71
CA SER A 190 11.07 -11.22 -21.12
CA SER A 190 11.07 -11.23 -21.13
C SER A 190 11.54 -9.83 -21.52
C SER A 190 11.46 -9.82 -21.55
N ARG A 191 11.36 -8.84 -20.65
CA ARG A 191 11.71 -7.48 -20.94
C ARG A 191 12.97 -7.17 -20.14
N LYS A 192 14.13 -7.20 -20.81
CA LYS A 192 15.41 -7.19 -20.12
C LYS A 192 15.58 -5.96 -19.23
N GLU A 193 15.24 -4.78 -19.73
CA GLU A 193 15.43 -3.57 -18.93
C GLU A 193 14.61 -3.60 -17.66
N GLN A 194 13.39 -4.13 -17.75
CA GLN A 194 12.52 -4.24 -16.59
C GLN A 194 13.06 -5.28 -15.61
N ALA A 195 13.42 -6.46 -16.11
CA ALA A 195 13.93 -7.52 -15.25
C ALA A 195 15.19 -7.09 -14.52
N GLU A 196 16.02 -6.24 -15.13
CA GLU A 196 17.30 -5.86 -14.54
C GLU A 196 17.19 -4.71 -13.56
N ASN A 197 16.12 -3.91 -13.62
CA ASN A 197 16.05 -2.67 -12.85
C ASN A 197 14.87 -2.59 -11.89
N ALA A 198 13.84 -3.41 -12.07
CA ALA A 198 12.66 -3.41 -11.22
C ALA A 198 12.55 -4.75 -10.51
N ALA A 199 11.61 -4.82 -9.58
CA ALA A 199 11.26 -6.03 -8.84
C ALA A 199 9.81 -6.39 -9.13
N LEU A 200 9.48 -7.67 -8.92
CA LEU A 200 8.14 -8.19 -9.18
C LEU A 200 7.62 -8.89 -7.93
N PHE A 201 6.43 -8.51 -7.49
CA PHE A 201 5.78 -9.13 -6.33
C PHE A 201 4.59 -9.97 -6.82
N GLY A 202 4.44 -11.16 -6.24
CA GLY A 202 3.26 -11.96 -6.46
C GLY A 202 2.20 -11.67 -5.41
N ILE A 203 0.94 -11.97 -5.71
CA ILE A 203 -0.19 -11.66 -4.82
C ILE A 203 -0.94 -12.95 -4.46
N GLN A 204 -0.95 -13.27 -3.17
CA GLN A 204 -1.67 -14.44 -2.65
C GLN A 204 -3.16 -14.12 -2.59
N GLN A 205 -3.97 -15.08 -3.05
CA GLN A 205 -5.43 -15.02 -2.94
C GLN A 205 -5.92 -16.24 -2.17
N GLY A 206 -7.22 -16.55 -2.26
CA GLY A 206 -7.80 -17.62 -1.48
C GLY A 206 -8.85 -17.22 -0.46
N SER A 207 -9.26 -15.96 -0.49
CA SER A 207 -10.35 -15.47 0.37
C SER A 207 -9.98 -15.74 1.82
N VAL A 208 -10.86 -16.30 2.64
CA VAL A 208 -10.61 -16.52 4.06
C VAL A 208 -10.30 -17.99 4.37
N PHE A 209 -9.98 -18.79 3.35
CA PHE A 209 -9.89 -20.23 3.49
C PHE A 209 -8.44 -20.68 3.55
N GLU A 210 -8.07 -21.35 4.64
CA GLU A 210 -6.67 -21.71 4.87
C GLU A 210 -6.13 -22.61 3.76
N ASN A 211 -6.90 -23.62 3.33
CA ASN A 211 -6.39 -24.51 2.29
C ASN A 211 -6.12 -23.78 0.98
N LEU A 212 -6.97 -22.83 0.61
CA LEU A 212 -6.75 -22.07 -0.63
C LEU A 212 -5.58 -21.10 -0.48
N ARG A 213 -5.43 -20.47 0.69
CA ARG A 213 -4.28 -19.62 0.95
C ARG A 213 -2.98 -20.42 0.84
N GLN A 214 -2.97 -21.66 1.34
CA GLN A 214 -1.79 -22.50 1.25
C GLN A 214 -1.48 -22.86 -0.20
N GLN A 215 -2.50 -23.26 -0.97
N GLN A 215 -2.49 -23.25 -0.96
CA GLN A 215 -2.27 -23.57 -2.37
CA GLN A 215 -2.25 -23.57 -2.36
C GLN A 215 -1.72 -22.34 -3.11
C GLN A 215 -1.70 -22.34 -3.09
N SER A 216 -2.24 -21.16 -2.79
CA SER A 216 -1.79 -19.95 -3.46
C SER A 216 -0.34 -19.61 -3.09
N ALA A 217 -0.01 -19.67 -1.80
CA ALA A 217 1.37 -19.45 -1.38
C ALA A 217 2.32 -20.43 -2.06
N ASP A 218 1.95 -21.71 -2.12
CA ASP A 218 2.83 -22.70 -2.74
C ASP A 218 3.03 -22.40 -4.22
N ALA A 219 1.96 -22.03 -4.92
CA ALA A 219 2.09 -21.71 -6.34
C ALA A 219 3.01 -20.51 -6.55
N LEU A 220 2.84 -19.46 -5.73
CA LEU A 220 3.67 -18.28 -5.89
C LEU A 220 5.13 -18.57 -5.57
N ALA A 221 5.40 -19.35 -4.51
CA ALA A 221 6.78 -19.66 -4.17
C ALA A 221 7.44 -20.52 -5.24
N GLU A 222 6.66 -21.40 -5.89
CA GLU A 222 7.21 -22.21 -6.98
C GLU A 222 7.62 -21.35 -8.16
N ILE A 223 6.79 -20.35 -8.51
CA ILE A 223 7.15 -19.42 -9.57
C ILE A 223 8.36 -18.60 -9.16
N GLY A 224 8.32 -18.06 -7.94
CA GLY A 224 9.38 -17.23 -7.37
C GLY A 224 9.17 -15.76 -7.65
N PHE A 225 9.15 -14.95 -6.60
CA PHE A 225 8.97 -13.52 -6.69
C PHE A 225 9.93 -12.81 -5.74
N ASP A 226 10.11 -11.51 -5.95
CA ASP A 226 10.95 -10.71 -5.07
C ASP A 226 10.26 -10.37 -3.75
N GLY A 227 8.93 -10.38 -3.75
CA GLY A 227 8.14 -10.12 -2.56
C GLY A 227 6.77 -10.72 -2.76
N TYR A 228 6.02 -10.82 -1.67
CA TYR A 228 4.73 -11.52 -1.67
C TYR A 228 3.71 -10.65 -0.97
N ALA A 229 2.65 -10.32 -1.69
CA ALA A 229 1.53 -9.58 -1.12
C ALA A 229 0.44 -10.54 -0.67
N VAL A 230 -0.20 -10.18 0.44
CA VAL A 230 -1.46 -10.79 0.86
C VAL A 230 -2.58 -9.97 0.23
N GLY A 231 -3.19 -10.51 -0.83
CA GLY A 231 -4.32 -9.89 -1.48
C GLY A 231 -5.62 -10.37 -0.91
N GLY A 232 -6.71 -9.77 -1.40
CA GLY A 232 -8.05 -10.25 -1.07
C GLY A 232 -8.55 -9.94 0.32
N LEU A 233 -7.88 -9.06 1.06
CA LEU A 233 -8.33 -8.63 2.38
C LEU A 233 -8.60 -7.12 2.36
N ALA A 234 -9.01 -6.58 3.49
CA ALA A 234 -9.49 -5.20 3.55
C ALA A 234 -10.57 -4.96 2.50
N VAL A 235 -11.52 -5.90 2.44
CA VAL A 235 -12.65 -5.84 1.50
C VAL A 235 -13.97 -6.06 2.21
N GLY A 236 -14.05 -5.68 3.49
CA GLY A 236 -15.29 -5.74 4.23
C GLY A 236 -15.36 -6.81 5.29
N GLU A 237 -14.31 -7.62 5.47
CA GLU A 237 -14.35 -8.75 6.39
C GLU A 237 -14.21 -8.34 7.86
N GLY A 238 -13.69 -7.16 8.15
CA GLY A 238 -13.53 -6.76 9.54
C GLY A 238 -12.22 -7.25 10.15
N GLN A 239 -11.81 -6.57 11.22
CA GLN A 239 -10.46 -6.80 11.74
C GLN A 239 -10.29 -8.20 12.32
N ASP A 240 -11.28 -8.69 13.07
CA ASP A 240 -11.15 -10.02 13.67
C ASP A 240 -10.87 -11.06 12.60
N GLU A 241 -11.65 -11.04 11.52
CA GLU A 241 -11.48 -12.01 10.45
C GLU A 241 -10.19 -11.79 9.69
N MET A 242 -9.85 -10.53 9.40
N MET A 242 -9.85 -10.52 9.41
CA MET A 242 -8.59 -10.24 8.73
CA MET A 242 -8.59 -10.24 8.73
C MET A 242 -7.42 -10.79 9.52
C MET A 242 -7.40 -10.77 9.52
N PHE A 243 -7.41 -10.55 10.84
CA PHE A 243 -6.33 -11.05 11.67
C PHE A 243 -6.31 -12.58 11.70
N ARG A 244 -7.49 -13.21 11.77
CA ARG A 244 -7.53 -14.67 11.75
C ARG A 244 -6.90 -15.23 10.47
N VAL A 245 -7.20 -14.61 9.33
CA VAL A 245 -6.61 -15.07 8.07
C VAL A 245 -5.11 -14.80 8.03
N LEU A 246 -4.67 -13.64 8.51
CA LEU A 246 -3.24 -13.36 8.55
C LEU A 246 -2.51 -14.37 9.43
N ASP A 247 -3.13 -14.80 10.54
CA ASP A 247 -2.49 -15.72 11.48
C ASP A 247 -1.95 -16.95 10.77
N PHE A 248 -2.73 -17.54 9.85
CA PHE A 248 -2.24 -18.69 9.10
C PHE A 248 -1.62 -18.35 7.75
N SER A 249 -1.95 -17.20 7.16
CA SER A 249 -1.52 -16.94 5.80
C SER A 249 -0.09 -16.44 5.71
N VAL A 250 0.32 -15.53 6.60
CA VAL A 250 1.65 -14.94 6.45
C VAL A 250 2.73 -15.99 6.62
N PRO A 251 2.62 -16.94 7.58
CA PRO A 251 3.67 -17.96 7.71
C PRO A 251 3.84 -18.82 6.48
N MET A 252 2.85 -18.87 5.58
CA MET A 252 2.96 -19.66 4.36
C MET A 252 3.89 -19.04 3.34
N LEU A 253 4.15 -17.75 3.45
CA LEU A 253 4.95 -17.06 2.47
C LEU A 253 6.43 -17.22 2.80
N PRO A 254 7.33 -17.11 1.82
CA PRO A 254 8.77 -17.20 2.14
C PRO A 254 9.16 -16.17 3.18
N ASP A 255 9.88 -16.63 4.20
CA ASP A 255 10.24 -15.77 5.32
C ASP A 255 11.21 -14.66 4.91
N ASP A 256 12.10 -14.93 3.95
CA ASP A 256 13.20 -14.04 3.61
C ASP A 256 12.83 -13.00 2.56
N LYS A 257 11.55 -12.84 2.23
CA LYS A 257 11.12 -11.83 1.29
C LYS A 257 10.07 -10.94 1.94
N PRO A 258 9.90 -9.70 1.45
CA PRO A 258 8.90 -8.82 2.06
C PRO A 258 7.48 -9.36 1.92
N HIS A 259 6.66 -9.03 2.92
CA HIS A 259 5.24 -9.40 2.98
C HIS A 259 4.42 -8.10 2.95
N TYR A 260 3.57 -7.94 1.94
CA TYR A 260 2.86 -6.68 1.69
C TYR A 260 1.36 -6.92 1.84
N LEU A 261 0.73 -6.30 2.83
CA LEU A 261 -0.71 -6.41 3.03
C LEU A 261 -1.41 -5.27 2.28
N MET A 262 -2.08 -5.61 1.20
CA MET A 262 -2.66 -4.60 0.31
C MET A 262 -3.90 -3.98 0.93
N GLY A 263 -3.92 -2.64 1.00
CA GLY A 263 -5.10 -1.92 1.41
C GLY A 263 -5.23 -1.64 2.89
N VAL A 264 -4.29 -2.05 3.72
CA VAL A 264 -4.37 -1.85 5.17
C VAL A 264 -3.45 -0.71 5.58
N GLY A 265 -3.93 0.20 6.43
CA GLY A 265 -5.28 0.26 6.98
C GLY A 265 -5.32 1.27 8.11
N LYS A 266 -6.25 1.12 9.03
CA LYS A 266 -6.31 1.98 10.21
C LYS A 266 -5.07 1.71 11.07
N PRO A 267 -4.67 2.65 11.92
CA PRO A 267 -3.47 2.44 12.73
C PRO A 267 -3.43 1.12 13.50
N ASP A 268 -4.53 0.72 14.14
N ASP A 268 -4.54 0.72 14.16
CA ASP A 268 -4.51 -0.53 14.89
CA ASP A 268 -4.53 -0.54 14.91
C ASP A 268 -4.46 -1.74 13.97
C ASP A 268 -4.44 -1.74 13.97
N ASP A 269 -4.99 -1.63 12.76
CA ASP A 269 -4.84 -2.69 11.78
C ASP A 269 -3.37 -2.89 11.44
N ILE A 270 -2.65 -1.78 11.23
CA ILE A 270 -1.23 -1.85 10.91
C ILE A 270 -0.44 -2.52 12.03
N VAL A 271 -0.69 -2.10 13.28
CA VAL A 271 0.06 -2.66 14.40
C VAL A 271 -0.16 -4.17 14.47
N GLY A 272 -1.43 -4.61 14.42
CA GLY A 272 -1.70 -6.03 14.50
C GLY A 272 -1.16 -6.83 13.32
N ALA A 273 -1.16 -6.21 12.13
CA ALA A 273 -0.60 -6.88 10.96
C ALA A 273 0.92 -7.04 11.07
N VAL A 274 1.62 -6.03 11.61
CA VAL A 274 3.05 -6.17 11.88
C VAL A 274 3.31 -7.30 12.88
N GLU A 275 2.47 -7.39 13.92
CA GLU A 275 2.57 -8.48 14.88
C GLU A 275 2.40 -9.84 14.23
N ARG A 276 1.82 -9.88 13.02
CA ARG A 276 1.58 -11.11 12.29
C ARG A 276 2.52 -11.28 11.09
N GLY A 277 3.55 -10.44 10.98
CA GLY A 277 4.62 -10.61 10.02
C GLY A 277 4.54 -9.79 8.74
N ILE A 278 3.73 -8.75 8.70
CA ILE A 278 3.65 -7.89 7.53
C ILE A 278 4.71 -6.79 7.57
N ASP A 279 5.30 -6.51 6.40
CA ASP A 279 6.39 -5.55 6.23
C ASP A 279 6.01 -4.29 5.45
N MET A 280 4.90 -4.30 4.72
CA MET A 280 4.56 -3.19 3.84
C MET A 280 3.05 -3.01 3.81
N PHE A 281 2.62 -1.75 3.66
CA PHE A 281 1.22 -1.34 3.72
C PHE A 281 0.96 -0.21 2.74
N ASP A 282 -0.28 -0.15 2.24
CA ASP A 282 -0.79 1.02 1.55
C ASP A 282 -2.25 1.22 1.94
N CYS A 283 -2.69 2.47 1.98
N CYS A 283 -2.69 2.46 2.01
CA CYS A 283 -4.07 2.78 2.28
CA CYS A 283 -4.14 2.70 2.04
C CYS A 283 -4.38 4.24 1.91
C CYS A 283 -4.39 4.19 1.88
N VAL A 284 -5.59 4.50 1.39
CA VAL A 284 -6.00 5.88 1.16
C VAL A 284 -6.53 6.55 2.42
N LEU A 285 -6.68 5.85 3.53
CA LEU A 285 -7.30 6.43 4.71
C LEU A 285 -6.68 7.75 5.16
N PRO A 286 -5.35 7.86 5.33
CA PRO A 286 -4.82 9.15 5.83
C PRO A 286 -5.06 10.33 4.89
N THR A 287 -4.95 10.11 3.58
CA THR A 287 -5.17 11.18 2.61
C THR A 287 -6.67 11.48 2.44
N ARG A 288 -7.46 10.47 2.08
N ARG A 288 -7.46 10.46 2.07
CA ARG A 288 -8.88 10.69 1.81
CA ARG A 288 -8.88 10.68 1.81
C ARG A 288 -9.61 11.16 3.06
C ARG A 288 -9.60 11.17 3.06
N SER A 289 -9.41 10.48 4.19
CA SER A 289 -10.14 10.89 5.38
C SER A 289 -9.61 12.22 5.92
N GLY A 290 -8.33 12.53 5.69
CA GLY A 290 -7.84 13.85 6.01
C GLY A 290 -8.58 14.97 5.30
N ARG A 291 -8.78 14.80 3.98
CA ARG A 291 -9.52 15.83 3.24
C ARG A 291 -10.96 15.94 3.74
N ASN A 292 -11.51 14.87 4.29
CA ASN A 292 -12.85 14.86 4.85
C ASN A 292 -12.90 15.33 6.30
N GLY A 293 -11.77 15.72 6.88
CA GLY A 293 -11.76 16.30 8.21
C GLY A 293 -11.34 15.40 9.35
N GLN A 294 -10.95 14.15 9.07
CA GLN A 294 -10.52 13.25 10.13
C GLN A 294 -9.00 13.39 10.29
N ALA A 295 -8.56 13.69 11.51
CA ALA A 295 -7.15 13.78 11.86
C ALA A 295 -6.80 12.66 12.83
N PHE A 296 -5.69 11.98 12.57
CA PHE A 296 -5.19 10.96 13.48
C PHE A 296 -4.36 11.57 14.61
N THR A 297 -4.59 11.07 15.81
CA THR A 297 -3.81 11.50 16.97
C THR A 297 -3.46 10.27 17.81
N FTR A 298 -2.49 10.38 18.69
CA FTR A 298 -2.10 9.27 19.56
CB FTR A 298 -0.80 9.47 20.32
CG FTR A 298 0.28 9.78 19.38
CD2 FTR A 298 0.92 8.81 18.51
CE2 FTR A 298 1.90 9.54 17.73
CE3 FTR A 298 0.77 7.45 18.32
CD1 FTR A 298 0.88 11.00 19.13
NE1 FTR A 298 1.85 10.87 18.13
CZ2 FTR A 298 2.70 8.91 16.79
CZ3 FTR A 298 1.58 6.85 17.36
F FTR A 298 1.44 5.52 17.15
CH2 FTR A 298 2.53 7.55 16.60
C FTR A 298 -3.26 8.86 20.52
O FTR A 298 -3.24 7.74 21.09
H FTR A 298 -1.82 10.92 18.61
HA FTR A 298 -1.94 8.50 19.00
HB2 FTR A 298 -0.57 8.67 20.82
HB3 FTR A 298 -0.89 10.19 20.96
HE3 FTR A 298 0.15 6.97 18.81
HD1 FTR A 298 0.70 11.83 19.51
HE1 FTR A 298 2.34 11.49 17.82
HZ2 FTR A 298 3.33 9.39 16.29
HH2 FTR A 298 3.04 7.09 15.97
N ASP A 299 -4.23 9.76 20.67
CA ASP A 299 -5.39 9.53 21.51
C ASP A 299 -6.64 9.16 20.68
N GLY A 300 -6.42 8.72 19.44
CA GLY A 300 -7.48 8.32 18.56
C GLY A 300 -7.83 9.40 17.56
N PRO A 301 -8.64 9.08 16.56
CA PRO A 301 -9.00 10.06 15.54
C PRO A 301 -9.96 11.12 16.08
N ILE A 302 -9.88 12.31 15.49
CA ILE A 302 -10.82 13.39 15.77
C ILE A 302 -11.39 13.88 14.45
N ASN A 303 -12.60 14.44 14.48
CA ASN A 303 -13.15 15.10 13.29
C ASN A 303 -13.10 16.60 13.50
N ILE A 304 -12.17 17.22 12.78
CA ILE A 304 -11.86 18.63 12.99
C ILE A 304 -13.02 19.53 12.65
N ARG A 305 -14.01 19.04 11.89
N ARG A 305 -14.01 19.04 11.88
CA ARG A 305 -15.19 19.85 11.60
CA ARG A 305 -15.19 19.84 11.59
C ARG A 305 -16.07 20.07 12.82
C ARG A 305 -16.05 20.08 12.82
N ASN A 306 -15.91 19.26 13.86
CA ASN A 306 -16.80 19.38 15.02
C ASN A 306 -16.64 20.75 15.67
N ALA A 307 -17.78 21.36 16.03
CA ALA A 307 -17.82 22.68 16.66
C ALA A 307 -16.92 22.78 17.89
N ARG A 308 -16.65 21.67 18.57
CA ARG A 308 -15.80 21.73 19.76
C ARG A 308 -14.39 22.20 19.44
N PHE A 309 -13.98 22.20 18.17
CA PHE A 309 -12.63 22.63 17.81
C PHE A 309 -12.56 24.09 17.36
N SER A 310 -13.68 24.82 17.36
CA SER A 310 -13.70 26.12 16.72
C SER A 310 -12.80 27.14 17.41
N GLU A 311 -12.51 26.95 18.70
CA GLU A 311 -11.64 27.86 19.43
C GLU A 311 -10.51 27.11 20.14
N ASP A 312 -10.17 25.93 19.64
CA ASP A 312 -9.15 25.09 20.25
C ASP A 312 -7.79 25.48 19.67
N LEU A 313 -6.94 26.07 20.50
CA LEU A 313 -5.66 26.57 20.05
C LEU A 313 -4.57 25.50 20.01
N LYS A 314 -4.86 24.29 20.48
CA LYS A 314 -3.85 23.25 20.43
C LYS A 314 -3.62 22.77 19.01
N PRO A 315 -2.46 22.19 18.73
CA PRO A 315 -2.25 21.52 17.43
C PRO A 315 -3.13 20.28 17.30
N LEU A 316 -3.21 19.77 16.07
CA LEU A 316 -3.98 18.55 15.83
C LEU A 316 -3.62 17.47 16.84
N ASP A 317 -2.32 17.23 17.04
CA ASP A 317 -1.85 16.27 18.03
C ASP A 317 -0.75 16.89 18.87
N SER A 318 -0.76 16.58 20.17
CA SER A 318 0.08 17.27 21.13
C SER A 318 1.54 16.85 21.10
N GLU A 319 1.87 15.72 20.48
CA GLU A 319 3.25 15.25 20.41
C GLU A 319 3.81 15.25 19.00
N CYS A 320 2.95 15.32 17.99
CA CYS A 320 3.37 15.22 16.61
C CYS A 320 4.41 16.27 16.26
N HIS A 321 5.45 15.85 15.54
CA HIS A 321 6.54 16.72 15.13
C HIS A 321 6.34 17.34 13.75
N CYS A 322 5.18 17.14 13.11
CA CYS A 322 5.04 17.60 11.74
C CYS A 322 4.94 19.13 11.67
N ALA A 323 5.17 19.65 10.48
CA ALA A 323 5.16 21.11 10.29
C ALA A 323 3.79 21.71 10.58
N VAL A 324 2.72 20.96 10.33
CA VAL A 324 1.38 21.48 10.58
C VAL A 324 1.18 21.71 12.07
N CYS A 325 1.59 20.74 12.88
CA CYS A 325 1.44 20.84 14.34
C CYS A 325 2.39 21.84 14.94
N GLN A 326 3.49 22.16 14.26
CA GLN A 326 4.37 23.21 14.76
C GLN A 326 3.79 24.60 14.52
N LYS A 327 2.91 24.77 13.54
CA LYS A 327 2.56 26.11 13.07
C LYS A 327 1.09 26.52 13.19
N FTR A 328 0.15 25.58 13.13
CA FTR A 328 -1.26 25.92 13.06
CB FTR A 328 -1.90 25.69 11.68
CG FTR A 328 -1.30 26.57 10.67
CD2 FTR A 328 -0.28 26.18 9.71
CE2 FTR A 328 0.06 27.35 8.94
CE3 FTR A 328 0.38 24.98 9.42
CD1 FTR A 328 -1.54 27.92 10.46
NE1 FTR A 328 -0.72 28.39 9.42
CZ2 FTR A 328 1.01 27.33 7.93
CZ3 FTR A 328 1.32 24.99 8.41
F FTR A 328 1.96 23.84 8.11
CH2 FTR A 328 1.65 26.13 7.66
C FTR A 328 -2.12 25.22 14.13
O FTR A 328 -1.81 24.08 14.53
HA FTR A 328 -1.33 26.88 13.24
HB2 FTR A 328 -2.85 25.85 11.72
HB3 FTR A 328 -1.78 24.76 11.41
HE3 FTR A 328 0.19 24.20 9.90
HD1 FTR A 328 -2.12 28.49 10.89
HE1 FTR A 328 -0.70 29.20 9.13
HZ2 FTR A 328 1.22 28.10 7.45
HH2 FTR A 328 2.30 26.08 7.00
N SER A 329 -3.18 25.88 14.56
CA SER A 329 -4.10 25.34 15.55
C SER A 329 -5.22 24.52 14.93
N ARG A 330 -5.81 23.68 15.78
CA ARG A 330 -7.08 23.03 15.45
C ARG A 330 -8.13 24.05 15.01
N ALA A 331 -8.22 25.20 15.69
CA ALA A 331 -9.23 26.20 15.35
C ALA A 331 -9.05 26.69 13.92
N TYR A 332 -7.81 26.93 13.50
CA TYR A 332 -7.58 27.40 12.13
C TYR A 332 -7.95 26.33 11.12
N ILE A 333 -7.52 25.09 11.36
CA ILE A 333 -7.78 24.02 10.41
C ILE A 333 -9.28 23.72 10.35
N HIS A 334 -9.96 23.78 11.50
CA HIS A 334 -11.43 23.69 11.55
C HIS A 334 -12.07 24.70 10.62
N HIS A 335 -11.64 25.96 10.72
CA HIS A 335 -12.15 27.01 9.85
C HIS A 335 -11.91 26.68 8.39
N LEU A 336 -10.69 26.26 8.05
CA LEU A 336 -10.37 25.96 6.65
C LEU A 336 -11.24 24.84 6.10
N ILE A 337 -11.38 23.74 6.85
CA ILE A 337 -12.16 22.61 6.35
C ILE A 337 -13.64 22.99 6.22
N ARG A 338 -14.18 23.70 7.21
CA ARG A 338 -15.56 24.14 7.13
C ARG A 338 -15.80 25.04 5.93
N ALA A 339 -14.81 25.85 5.59
CA ALA A 339 -14.92 26.78 4.47
C ALA A 339 -14.62 26.14 3.13
N GLY A 340 -14.23 24.86 3.09
CA GLY A 340 -13.88 24.23 1.83
C GLY A 340 -12.58 24.71 1.23
N GLU A 341 -11.68 25.24 2.05
CA GLU A 341 -10.45 25.82 1.54
C GLU A 341 -9.41 24.74 1.24
N ILE A 342 -8.72 24.93 0.11
CA ILE A 342 -7.71 23.96 -0.30
C ILE A 342 -6.63 23.80 0.77
N LEU A 343 -6.22 24.90 1.41
CA LEU A 343 -5.20 24.76 2.44
C LEU A 343 -5.63 23.81 3.55
N GLY A 344 -6.93 23.71 3.83
CA GLY A 344 -7.38 22.73 4.81
C GLY A 344 -7.04 21.31 4.41
N ALA A 345 -7.32 20.94 3.15
CA ALA A 345 -6.94 19.62 2.65
C ALA A 345 -5.44 19.41 2.72
N MET A 346 -4.66 20.44 2.35
CA MET A 346 -3.20 20.33 2.38
C MET A 346 -2.69 20.03 3.79
N LEU A 347 -3.17 20.80 4.78
CA LEU A 347 -2.66 20.65 6.13
C LEU A 347 -3.10 19.35 6.77
N MET A 348 -4.39 18.99 6.61
CA MET A 348 -4.86 17.71 7.14
C MET A 348 -4.08 16.54 6.55
N THR A 349 -3.83 16.61 5.25
CA THR A 349 -3.15 15.49 4.59
C THR A 349 -1.71 15.36 5.06
N GLU A 350 -0.99 16.48 5.13
CA GLU A 350 0.40 16.43 5.58
C GLU A 350 0.48 15.88 6.99
N HIS A 351 -0.37 16.35 7.88
CA HIS A 351 -0.35 15.83 9.25
C HIS A 351 -0.66 14.33 9.28
N ASN A 352 -1.70 13.88 8.57
CA ASN A 352 -2.06 12.47 8.66
C ASN A 352 -0.98 11.57 8.10
N ILE A 353 -0.37 11.95 6.97
CA ILE A 353 0.72 11.14 6.44
C ILE A 353 1.91 11.16 7.41
N ALA A 354 2.19 12.31 8.01
CA ALA A 354 3.27 12.37 9.00
C ALA A 354 2.97 11.48 10.21
N PHE A 355 1.71 11.46 10.66
CA PHE A 355 1.32 10.58 11.76
C PHE A 355 1.57 9.13 11.39
N TYR A 356 1.14 8.73 10.19
CA TYR A 356 1.36 7.35 9.76
C TYR A 356 2.84 7.01 9.72
N GLN A 357 3.68 7.93 9.24
CA GLN A 357 5.11 7.64 9.18
C GLN A 357 5.71 7.58 10.57
N GLN A 358 5.24 8.41 11.51
CA GLN A 358 5.72 8.34 12.89
C GLN A 358 5.31 7.03 13.54
N LEU A 359 4.09 6.54 13.26
CA LEU A 359 3.70 5.21 13.69
C LEU A 359 4.68 4.17 13.17
N MET A 360 4.99 4.22 11.87
CA MET A 360 5.92 3.21 11.34
C MET A 360 7.29 3.32 11.99
N GLN A 361 7.76 4.54 12.24
CA GLN A 361 9.05 4.72 12.89
C GLN A 361 9.05 4.12 14.29
N LYS A 362 7.98 4.37 15.07
CA LYS A 362 7.89 3.80 16.41
C LYS A 362 7.85 2.27 16.36
N ILE A 363 7.15 1.72 15.35
CA ILE A 363 7.13 0.28 15.16
C ILE A 363 8.54 -0.24 14.89
N ARG A 364 9.23 0.36 13.91
CA ARG A 364 10.58 -0.08 13.57
C ARG A 364 11.51 0.00 14.77
N ASP A 365 11.50 1.13 15.47
CA ASP A 365 12.40 1.30 16.60
C ASP A 365 12.09 0.30 17.71
N SER A 366 10.81 0.05 17.97
CA SER A 366 10.46 -0.87 19.06
C SER A 366 10.85 -2.30 18.72
N ILE A 367 10.68 -2.73 17.45
CA ILE A 367 11.16 -4.06 17.08
C ILE A 367 12.67 -4.14 17.22
N SER A 368 13.38 -3.12 16.73
N SER A 368 13.39 -3.12 16.74
CA SER A 368 14.84 -3.09 16.82
CA SER A 368 14.85 -3.17 16.83
C SER A 368 15.30 -3.21 18.27
C SER A 368 15.33 -3.19 18.27
N GLU A 369 14.53 -2.69 19.21
CA GLU A 369 14.90 -2.68 20.62
C GLU A 369 14.25 -3.81 21.40
N GLY A 370 13.50 -4.70 20.73
CA GLY A 370 12.91 -5.82 21.42
C GLY A 370 11.79 -5.46 22.37
N ARG A 371 11.08 -4.36 22.11
CA ARG A 371 9.99 -3.91 22.97
C ARG A 371 8.73 -3.60 22.15
N PHE A 372 8.56 -4.30 21.02
CA PHE A 372 7.39 -4.05 20.18
C PHE A 372 6.09 -4.53 20.83
N SER A 373 6.13 -5.65 21.54
N SER A 373 6.14 -5.68 21.52
CA SER A 373 4.89 -6.11 22.17
CA SER A 373 4.94 -6.14 22.21
C SER A 373 4.40 -5.11 23.21
C SER A 373 4.42 -5.08 23.16
N GLN A 374 5.33 -4.50 23.96
CA GLN A 374 4.94 -3.45 24.89
C GLN A 374 4.46 -2.21 24.15
N PHE A 375 5.09 -1.86 23.04
CA PHE A 375 4.62 -0.73 22.25
C PHE A 375 3.19 -0.95 21.77
N ALA A 376 2.90 -2.14 21.25
CA ALA A 376 1.56 -2.41 20.76
C ALA A 376 0.53 -2.28 21.87
N GLN A 377 0.85 -2.79 23.05
CA GLN A 377 -0.08 -2.69 24.18
C GLN A 377 -0.28 -1.24 24.60
N ASP A 378 0.82 -0.48 24.71
CA ASP A 378 0.72 0.92 25.09
C ASP A 378 -0.04 1.71 24.03
N PHE A 379 0.26 1.45 22.76
CA PHE A 379 -0.42 2.15 21.68
C PHE A 379 -1.92 1.96 21.77
N ARG A 380 -2.36 0.71 21.95
N ARG A 380 -2.36 0.72 21.93
CA ARG A 380 -3.79 0.41 21.98
CA ARG A 380 -3.80 0.46 21.98
C ARG A 380 -4.46 1.01 23.21
C ARG A 380 -4.43 1.09 23.21
N ALA A 381 -3.78 0.99 24.37
CA ALA A 381 -4.38 1.50 25.59
C ALA A 381 -4.70 2.99 25.43
N ARG A 382 -3.80 3.72 24.81
CA ARG A 382 -3.98 5.16 24.68
C ARG A 382 -4.88 5.51 23.49
N TYR A 383 -4.71 4.84 22.36
CA TYR A 383 -5.47 5.17 21.16
C TYR A 383 -6.96 4.91 21.36
N PHE A 384 -7.31 3.92 22.17
CA PHE A 384 -8.71 3.54 22.40
C PHE A 384 -9.23 3.94 23.76
N ALA A 385 -8.54 4.82 24.47
CA ALA A 385 -8.98 5.22 25.80
C ALA A 385 -10.34 5.94 25.72
C1 1WK B . -6.05 -6.01 -3.47
C2 1WK B . -6.81 -6.04 -2.30
C3 1WK B . -7.04 -4.82 -1.68
C4 1WK B . -6.52 -3.62 -2.16
C5 1WK B . -5.75 -3.57 -3.34
C6 1WK B . -5.13 -2.25 -3.80
C7 1WK B . -6.08 -1.33 -4.48
C8 1WK B . -5.51 -4.80 -3.99
C9 1WK B . -5.81 -7.24 -4.19
N10 1WK B . -4.77 -4.85 -5.17
C11 1WK B . -4.60 -5.96 -5.78
N12 1WK B . -3.92 -6.01 -6.94
N13 1WK B . -5.10 -7.17 -5.35
O14 1WK B . -6.20 -8.36 -3.83
N15 1WK B . -7.76 -4.52 -0.55
N16 1WK B . -6.96 -2.60 -1.34
C17 1WK B . -7.69 -3.17 -0.40
N18 1WK B . -8.33 -2.50 0.62
C19 1WK B . -8.63 -1.06 0.47
C20 1WK B . -5.26 2.24 -4.75
O21 1WK B . -4.26 2.47 -5.75
C22 1WK B . -4.93 0.92 -4.02
O23 1WK B . -3.54 0.85 -3.78
C24 1WK B . -5.38 -0.12 -5.06
O25 1WK B . -6.40 0.56 -5.85
C26 1WK B . -6.57 1.94 -5.48
O27 1WK B . -7.62 1.98 -4.49
C28 1WK B . -8.95 1.65 -4.99
C1 GOL C . 10.85 14.47 -3.46
O1 GOL C . 10.73 15.61 -4.26
C2 GOL C . 12.03 13.65 -4.01
O2 GOL C . 11.90 13.35 -5.41
C3 GOL C . 12.08 12.39 -3.11
O3 GOL C . 13.43 12.04 -2.98
C1 GOL D . 1.92 5.42 21.62
O1 GOL D . 0.86 5.58 22.52
C2 GOL D . 3.07 6.32 22.11
O2 GOL D . 4.28 5.98 21.50
C3 GOL D . 2.64 7.78 21.75
O3 GOL D . 3.64 8.63 22.26
CL CL E . -6.50 9.67 -1.49
ZN ZN F . 1.08 16.88 12.98
#